data_5CZI
#
_entry.id   5CZI
#
_cell.length_a   143.890
_cell.length_b   143.890
_cell.length_c   143.890
_cell.angle_alpha   90.00
_cell.angle_beta   90.00
_cell.angle_gamma   90.00
#
_symmetry.space_group_name_H-M   'I 2 3'
#
loop_
_entity.id
_entity.type
_entity.pdbx_description
1 polymer 'Epidermal growth factor receptor'
2 polymer 'SHC Peptide substrate'
3 water water
#
loop_
_entity_poly.entity_id
_entity_poly.type
_entity_poly.pdbx_seq_one_letter_code
_entity_poly.pdbx_strand_id
1 'polypeptide(L)'
;GSPSGEAPNQALLRILKETEFKKIKVLGSGAFGTVYKGLWIPEGEKVKIPVAIKELREATSPKANKEILDEAYVMASVDN
PHVCRLLGICLTSTVQLITQLMPFGCLLDYVREHKDNIGSQYLLNWCVQIAKGMNYLEDRRLVHRDLAARNVLVKTPQHV
KITDFGRAKLLGAEEKEYHAEGGKVPIKWMALESILHRIYTHQSDVWSYGVTVWELMTFGSKPYDGIPASEISSILEKGE
RLPQPPICTIDVYMIMVKCWMIDADSRPKFRELIIEFSKMARDPQRYLVIQGDERMHLPSPTDSNFYRALMDEEDMDDVV
DADEYLIPQQG
;
A
2 'polypeptide(L)' PDHQY(PTR)NDF B
#
# COMPACT_ATOMS: atom_id res chain seq x y z
N GLY A 5 9.25 -0.41 -26.14
CA GLY A 5 9.51 -1.84 -26.05
C GLY A 5 8.53 -2.56 -25.13
N GLU A 6 7.28 -2.11 -25.14
CA GLU A 6 6.29 -2.59 -24.19
C GLU A 6 5.39 -3.68 -24.77
N ALA A 7 5.14 -4.70 -23.96
CA ALA A 7 4.24 -5.80 -24.33
C ALA A 7 2.80 -5.33 -24.18
N PRO A 8 1.87 -5.99 -24.92
CA PRO A 8 0.45 -5.66 -24.80
C PRO A 8 -0.12 -6.08 -23.45
N ASN A 9 -0.97 -5.25 -22.88
CA ASN A 9 -1.54 -5.56 -21.59
C ASN A 9 -2.83 -6.34 -21.75
N GLN A 10 -2.76 -7.65 -21.56
CA GLN A 10 -3.92 -8.49 -21.85
C GLN A 10 -4.73 -8.87 -20.60
N ALA A 11 -4.55 -8.12 -19.53
CA ALA A 11 -5.39 -8.26 -18.35
C ALA A 11 -6.89 -8.22 -18.70
N LEU A 12 -7.68 -9.03 -18.01
CA LEU A 12 -9.12 -9.00 -18.18
C LEU A 12 -9.72 -8.06 -17.16
N LEU A 13 -10.61 -7.20 -17.62
CA LEU A 13 -11.43 -6.41 -16.74
C LEU A 13 -12.77 -7.12 -16.62
N ARG A 14 -13.10 -7.60 -15.44
CA ARG A 14 -14.34 -8.36 -15.29
C ARG A 14 -15.49 -7.41 -14.91
N ILE A 15 -16.57 -7.45 -15.69
CA ILE A 15 -17.76 -6.65 -15.38
C ILE A 15 -18.78 -7.48 -14.59
N LEU A 16 -19.12 -7.04 -13.40
CA LEU A 16 -20.02 -7.78 -12.51
C LEU A 16 -21.46 -7.27 -12.52
N LYS A 17 -22.45 -8.17 -12.46
CA LYS A 17 -23.84 -7.74 -12.28
C LYS A 17 -24.08 -7.47 -10.80
N GLU A 18 -24.98 -6.55 -10.49
CA GLU A 18 -25.26 -6.20 -9.09
C GLU A 18 -25.95 -7.35 -8.36
N THR A 19 -26.67 -8.16 -9.13
CA THR A 19 -27.37 -9.31 -8.58
C THR A 19 -26.42 -10.41 -8.14
N GLU A 20 -25.12 -10.20 -8.37
CA GLU A 20 -24.10 -11.22 -8.14
C GLU A 20 -23.39 -11.01 -6.81
N PHE A 21 -23.63 -9.89 -6.16
CA PHE A 21 -23.02 -9.66 -4.86
C PHE A 21 -23.97 -9.05 -3.84
N LYS A 22 -23.86 -9.46 -2.59
CA LYS A 22 -24.70 -8.89 -1.55
C LYS A 22 -23.88 -8.15 -0.52
N LYS A 23 -24.24 -6.90 -0.29
CA LYS A 23 -23.58 -6.08 0.72
C LYS A 23 -24.04 -6.47 2.10
N ILE A 24 -23.10 -6.60 3.02
CA ILE A 24 -23.44 -7.00 4.38
C ILE A 24 -23.45 -5.87 5.41
N LYS A 25 -22.43 -5.02 5.36
CA LYS A 25 -22.18 -4.05 6.41
C LYS A 25 -21.39 -2.90 5.83
N VAL A 26 -21.38 -1.75 6.50
CA VAL A 26 -20.64 -0.62 5.97
C VAL A 26 -19.32 -0.43 6.68
N LEU A 27 -18.22 -0.66 5.98
CA LEU A 27 -16.90 -0.43 6.55
C LEU A 27 -16.61 1.02 6.82
N GLY A 28 -16.92 1.87 5.84
CA GLY A 28 -16.62 3.27 5.93
C GLY A 28 -17.50 4.06 5.00
N SER A 29 -17.60 5.36 5.23
CA SER A 29 -18.41 6.19 4.36
C SER A 29 -17.71 7.50 4.02
N GLY A 30 -18.10 8.07 2.89
CA GLY A 30 -17.47 9.27 2.39
C GLY A 30 -18.39 10.08 1.51
N ALA A 31 -18.00 11.31 1.24
CA ALA A 31 -18.72 12.12 0.27
C ALA A 31 -18.58 11.41 -1.07
N PHE A 32 -17.40 10.83 -1.28
CA PHE A 32 -17.09 10.11 -2.50
C PHE A 32 -18.03 8.95 -2.67
N GLY A 33 -18.29 8.25 -1.57
CA GLY A 33 -19.15 7.10 -1.57
C GLY A 33 -19.03 6.36 -0.26
N THR A 34 -19.63 5.17 -0.20
CA THR A 34 -19.50 4.34 0.98
C THR A 34 -18.99 2.96 0.61
N VAL A 35 -18.02 2.46 1.36
CA VAL A 35 -17.47 1.13 1.14
C VAL A 35 -18.18 0.09 1.97
N TYR A 36 -18.51 -1.04 1.35
CA TYR A 36 -19.26 -2.09 2.00
C TYR A 36 -18.44 -3.37 2.13
N LYS A 37 -18.55 -4.05 3.25
CA LYS A 37 -18.13 -5.43 3.31
C LYS A 37 -19.26 -6.26 2.71
N GLY A 38 -18.92 -7.20 1.84
CA GLY A 38 -19.96 -8.04 1.25
C GLY A 38 -19.43 -9.35 0.73
N LEU A 39 -20.28 -10.08 0.04
CA LEU A 39 -19.88 -11.31 -0.59
C LEU A 39 -20.15 -11.24 -2.09
N TRP A 40 -19.21 -11.75 -2.88
CA TRP A 40 -19.41 -11.85 -4.31
C TRP A 40 -19.75 -13.30 -4.66
N ILE A 41 -20.88 -13.50 -5.33
CA ILE A 41 -21.26 -14.84 -5.72
C ILE A 41 -21.40 -14.96 -7.23
N PRO A 42 -20.36 -15.46 -7.87
CA PRO A 42 -20.33 -15.55 -9.33
C PRO A 42 -21.42 -16.47 -9.80
N GLU A 43 -22.06 -16.15 -10.92
CA GLU A 43 -23.27 -16.86 -11.28
C GLU A 43 -23.00 -18.32 -11.50
N GLY A 44 -23.80 -19.15 -10.85
CA GLY A 44 -23.73 -20.58 -11.00
C GLY A 44 -22.38 -21.22 -10.70
N GLU A 45 -21.68 -20.72 -9.69
CA GLU A 45 -20.40 -21.32 -9.37
C GLU A 45 -20.27 -21.93 -7.99
N LYS A 46 -21.29 -21.80 -7.17
CA LYS A 46 -21.24 -22.38 -5.85
C LYS A 46 -20.07 -21.87 -5.01
N VAL A 47 -19.74 -20.60 -5.15
CA VAL A 47 -18.68 -19.99 -4.36
C VAL A 47 -19.07 -18.65 -3.81
N LYS A 48 -18.58 -18.31 -2.64
CA LYS A 48 -18.80 -17.00 -2.05
C LYS A 48 -17.45 -16.35 -1.80
N ILE A 49 -17.26 -15.12 -2.25
CA ILE A 49 -15.97 -14.47 -2.08
C ILE A 49 -16.08 -13.20 -1.26
N PRO A 50 -15.41 -13.17 -0.11
CA PRO A 50 -15.43 -11.95 0.71
C PRO A 50 -14.81 -10.82 -0.08
N VAL A 51 -15.55 -9.73 -0.22
CA VAL A 51 -15.09 -8.63 -1.03
C VAL A 51 -15.33 -7.34 -0.27
N ALA A 52 -14.64 -6.29 -0.69
CA ALA A 52 -14.96 -4.96 -0.26
C ALA A 52 -15.58 -4.30 -1.50
N ILE A 53 -16.72 -3.61 -1.32
CA ILE A 53 -17.45 -3.03 -2.45
C ILE A 53 -17.55 -1.51 -2.30
N LYS A 54 -16.90 -0.79 -3.21
CA LYS A 54 -16.93 0.67 -3.19
C LYS A 54 -18.01 1.18 -4.15
N GLU A 55 -19.11 1.68 -3.60
CA GLU A 55 -20.18 2.30 -4.39
C GLU A 55 -20.09 3.82 -4.28
N LEU A 56 -19.84 4.46 -5.42
CA LEU A 56 -19.72 5.91 -5.48
C LEU A 56 -21.07 6.60 -5.34
N ARG A 57 -21.08 7.82 -4.80
CA ARG A 57 -22.30 8.59 -4.72
C ARG A 57 -22.73 8.95 -6.13
N GLU A 58 -24.04 8.99 -6.35
CA GLU A 58 -24.60 9.33 -7.64
C GLU A 58 -24.18 10.75 -7.97
N ALA A 59 -23.91 11.51 -6.92
CA ALA A 59 -23.45 12.88 -7.11
C ALA A 59 -21.95 12.84 -7.36
N THR A 60 -21.57 12.28 -8.50
CA THR A 60 -20.17 12.17 -8.86
C THR A 60 -19.86 12.80 -10.22
N SER A 61 -18.83 13.63 -10.24
CA SER A 61 -18.40 14.35 -11.43
C SER A 61 -17.73 13.41 -12.43
N PRO A 62 -17.81 13.74 -13.73
CA PRO A 62 -17.14 12.96 -14.78
C PRO A 62 -15.61 13.02 -14.65
N LYS A 63 -15.10 14.05 -13.98
CA LYS A 63 -13.69 14.11 -13.63
C LYS A 63 -13.39 13.05 -12.54
N ALA A 64 -14.32 12.89 -11.61
CA ALA A 64 -14.16 11.92 -10.53
C ALA A 64 -14.17 10.48 -11.03
N ASN A 65 -15.20 10.12 -11.82
CA ASN A 65 -15.30 8.79 -12.43
C ASN A 65 -14.09 8.43 -13.28
N LYS A 66 -13.57 9.42 -13.99
CA LYS A 66 -12.42 9.22 -14.86
C LYS A 66 -11.21 8.79 -14.04
N GLU A 67 -11.02 9.43 -12.90
CA GLU A 67 -9.89 9.12 -12.02
C GLU A 67 -9.97 7.73 -11.39
N ILE A 68 -11.16 7.36 -10.94
CA ILE A 68 -11.36 6.05 -10.32
C ILE A 68 -11.18 4.91 -11.33
N LEU A 69 -11.55 5.16 -12.57
CA LEU A 69 -11.45 4.12 -13.60
C LEU A 69 -9.99 3.87 -13.99
N ASP A 70 -9.19 4.93 -13.93
CA ASP A 70 -7.76 4.76 -14.13
C ASP A 70 -7.17 3.96 -12.97
N GLU A 71 -7.64 4.20 -11.76
CA GLU A 71 -7.19 3.37 -10.66
C GLU A 71 -7.55 1.89 -10.87
N ALA A 72 -8.79 1.62 -11.25
CA ALA A 72 -9.22 0.26 -11.57
C ALA A 72 -8.39 -0.36 -12.69
N TYR A 73 -8.03 0.47 -13.68
CA TYR A 73 -7.20 0.04 -14.80
C TYR A 73 -5.88 -0.54 -14.28
N VAL A 74 -5.24 0.21 -13.38
CA VAL A 74 -3.99 -0.22 -12.76
C VAL A 74 -4.22 -1.48 -11.93
N MET A 75 -5.25 -1.44 -11.09
CA MET A 75 -5.51 -2.55 -10.17
C MET A 75 -5.86 -3.83 -10.90
N ALA A 76 -6.52 -3.70 -12.05
CA ALA A 76 -6.82 -4.86 -12.87
C ALA A 76 -5.58 -5.47 -13.53
N SER A 77 -4.55 -4.65 -13.74
CA SER A 77 -3.39 -5.12 -14.49
C SER A 77 -2.35 -5.79 -13.62
N VAL A 78 -2.52 -5.71 -12.30
CA VAL A 78 -1.48 -6.30 -11.44
C VAL A 78 -1.86 -7.67 -10.88
N ASP A 79 -0.92 -8.61 -10.91
CA ASP A 79 -1.15 -9.93 -10.34
C ASP A 79 0.02 -10.40 -9.46
N ASN A 80 -0.01 -10.06 -8.18
CA ASN A 80 1.06 -10.45 -7.26
C ASN A 80 0.49 -10.74 -5.87
N PRO A 81 1.11 -11.64 -5.13
CA PRO A 81 0.50 -11.90 -3.83
C PRO A 81 0.55 -10.73 -2.85
N HIS A 82 1.31 -9.68 -3.13
CA HIS A 82 1.44 -8.60 -2.14
C HIS A 82 0.91 -7.29 -2.67
N VAL A 83 0.08 -7.42 -3.69
CA VAL A 83 -0.63 -6.29 -4.25
C VAL A 83 -2.10 -6.67 -4.28
N CYS A 84 -2.96 -5.71 -3.99
CA CYS A 84 -4.41 -5.95 -4.06
C CYS A 84 -4.88 -6.00 -5.52
N ARG A 85 -5.57 -7.07 -5.91
CA ARG A 85 -6.21 -7.12 -7.24
C ARG A 85 -7.65 -6.55 -7.25
N LEU A 86 -8.00 -5.96 -8.37
CA LEU A 86 -9.37 -5.61 -8.60
C LEU A 86 -10.04 -6.85 -9.13
N LEU A 87 -11.02 -7.35 -8.38
CA LEU A 87 -11.90 -8.42 -8.83
C LEU A 87 -12.76 -8.01 -10.05
N GLY A 88 -13.38 -6.83 -9.96
CA GLY A 88 -14.17 -6.35 -11.06
C GLY A 88 -14.83 -5.03 -10.76
N ILE A 89 -15.61 -4.54 -11.69
CA ILE A 89 -16.38 -3.33 -11.48
C ILE A 89 -17.81 -3.58 -11.87
N CYS A 90 -18.73 -2.86 -11.24
CA CYS A 90 -20.12 -2.95 -11.62
C CYS A 90 -20.58 -1.62 -12.17
N LEU A 91 -21.11 -1.63 -13.38
CA LEU A 91 -21.54 -0.40 -14.01
C LEU A 91 -22.98 -0.06 -13.73
N THR A 92 -23.29 0.26 -12.50
CA THR A 92 -24.63 0.66 -12.13
C THR A 92 -24.76 2.16 -12.28
N SER A 93 -25.85 2.72 -11.80
CA SER A 93 -26.09 4.14 -11.96
C SER A 93 -24.92 4.85 -11.32
N THR A 94 -24.44 4.29 -10.23
CA THR A 94 -23.21 4.72 -9.60
C THR A 94 -22.24 3.56 -9.70
N VAL A 95 -21.03 3.83 -10.17
CA VAL A 95 -20.05 2.78 -10.40
C VAL A 95 -19.61 2.10 -9.13
N GLN A 96 -19.40 0.78 -9.17
CA GLN A 96 -18.98 0.06 -7.98
C GLN A 96 -17.69 -0.72 -8.25
N LEU A 97 -16.67 -0.50 -7.44
CA LEU A 97 -15.41 -1.24 -7.57
C LEU A 97 -15.36 -2.41 -6.59
N ILE A 98 -15.02 -3.59 -7.08
CA ILE A 98 -14.98 -4.76 -6.20
C ILE A 98 -13.54 -5.28 -5.99
N THR A 99 -13.10 -5.28 -4.74
CA THR A 99 -11.78 -5.80 -4.40
C THR A 99 -11.89 -6.82 -3.29
N GLN A 100 -10.79 -7.54 -3.09
CA GLN A 100 -10.69 -8.58 -2.05
C GLN A 100 -10.86 -7.95 -0.67
N LEU A 101 -11.73 -8.52 0.15
CA LEU A 101 -11.88 -8.02 1.51
C LEU A 101 -10.58 -8.17 2.32
N MET A 102 -10.07 -7.08 2.89
CA MET A 102 -8.92 -7.18 3.78
C MET A 102 -9.41 -6.93 5.21
N PRO A 103 -9.78 -8.01 5.91
CA PRO A 103 -10.53 -7.97 7.16
C PRO A 103 -9.83 -7.18 8.28
N PHE A 104 -8.52 -7.29 8.42
CA PHE A 104 -7.89 -6.59 9.55
C PHE A 104 -7.54 -5.11 9.25
N GLY A 105 -7.99 -4.62 8.09
CA GLY A 105 -7.84 -3.23 7.73
C GLY A 105 -6.46 -2.70 7.34
N CYS A 106 -6.34 -1.38 7.51
CA CYS A 106 -5.13 -0.59 7.35
C CYS A 106 -3.97 -1.08 8.22
N LEU A 107 -2.78 -1.20 7.64
CA LEU A 107 -1.62 -1.65 8.42
C LEU A 107 -1.20 -0.59 9.43
N LEU A 108 -1.33 0.69 9.07
CA LEU A 108 -1.11 1.77 10.03
C LEU A 108 -2.00 1.60 11.26
N ASP A 109 -3.30 1.42 11.05
CA ASP A 109 -4.23 1.23 12.16
C ASP A 109 -3.91 0.00 12.98
N TYR A 110 -3.56 -1.09 12.30
CA TYR A 110 -3.33 -2.37 12.95
C TYR A 110 -2.16 -2.28 13.93
N VAL A 111 -1.06 -1.64 13.52
CA VAL A 111 0.09 -1.52 14.41
C VAL A 111 -0.22 -0.60 15.59
N ARG A 112 -0.96 0.47 15.35
CA ARG A 112 -1.40 1.35 16.42
C ARG A 112 -2.31 0.63 17.43
N GLU A 113 -3.29 -0.09 16.94
CA GLU A 113 -4.19 -0.83 17.80
C GLU A 113 -3.50 -1.95 18.57
N HIS A 114 -2.57 -2.63 17.92
CA HIS A 114 -1.95 -3.80 18.48
C HIS A 114 -0.52 -3.62 18.91
N LYS A 115 -0.09 -2.41 19.18
CA LYS A 115 1.33 -2.16 19.38
C LYS A 115 1.84 -3.03 20.50
N ASP A 116 1.00 -3.31 21.47
CA ASP A 116 1.36 -4.19 22.57
C ASP A 116 1.70 -5.64 22.20
N ASN A 117 1.01 -6.21 21.23
CA ASN A 117 1.22 -7.62 20.90
C ASN A 117 1.93 -7.97 19.60
N ILE A 118 2.64 -7.02 19.01
CA ILE A 118 3.35 -7.27 17.75
C ILE A 118 4.84 -7.54 17.99
N GLY A 119 5.34 -8.69 17.56
CA GLY A 119 6.73 -9.00 17.76
C GLY A 119 7.55 -8.77 16.51
N SER A 120 8.86 -8.98 16.64
CA SER A 120 9.84 -8.69 15.59
C SER A 120 9.67 -9.56 14.35
N GLN A 121 9.22 -10.79 14.52
CA GLN A 121 8.94 -11.67 13.38
C GLN A 121 7.89 -11.10 12.44
N TYR A 122 6.86 -10.46 12.99
CA TYR A 122 5.81 -9.89 12.16
C TYR A 122 6.30 -8.67 11.41
N LEU A 123 7.00 -7.81 12.13
CA LEU A 123 7.46 -6.55 11.59
C LEU A 123 8.38 -6.77 10.39
N LEU A 124 9.37 -7.65 10.55
CA LEU A 124 10.32 -7.97 9.48
C LEU A 124 9.65 -8.66 8.27
N ASN A 125 8.75 -9.62 8.53
CA ASN A 125 7.95 -10.23 7.46
C ASN A 125 7.17 -9.21 6.63
N TRP A 126 6.59 -8.22 7.31
CA TRP A 126 5.85 -7.19 6.62
C TRP A 126 6.76 -6.37 5.72
N CYS A 127 7.94 -6.04 6.23
CA CYS A 127 8.92 -5.30 5.44
C CYS A 127 9.30 -6.11 4.21
N VAL A 128 9.52 -7.42 4.39
CA VAL A 128 9.80 -8.30 3.27
C VAL A 128 8.67 -8.32 2.24
N GLN A 129 7.45 -8.52 2.72
CA GLN A 129 6.29 -8.62 1.83
C GLN A 129 6.01 -7.31 1.08
N ILE A 130 6.23 -6.18 1.74
CA ILE A 130 6.05 -4.91 1.06
C ILE A 130 7.13 -4.70 -0.02
N ALA A 131 8.37 -5.10 0.30
CA ALA A 131 9.46 -5.00 -0.64
C ALA A 131 9.16 -5.85 -1.87
N LYS A 132 8.62 -7.05 -1.65
CA LYS A 132 8.22 -7.91 -2.78
C LYS A 132 7.14 -7.26 -3.63
N GLY A 133 6.14 -6.69 -2.99
CA GLY A 133 5.07 -6.00 -3.68
C GLY A 133 5.63 -4.87 -4.54
N MET A 134 6.48 -4.05 -3.95
CA MET A 134 7.12 -2.98 -4.68
C MET A 134 8.05 -3.51 -5.79
N ASN A 135 8.80 -4.56 -5.49
CA ASN A 135 9.68 -5.12 -6.50
C ASN A 135 8.87 -5.59 -7.70
N TYR A 136 7.69 -6.13 -7.42
CA TYR A 136 6.81 -6.56 -8.48
C TYR A 136 6.30 -5.37 -9.30
N LEU A 137 5.91 -4.30 -8.62
CA LEU A 137 5.41 -3.13 -9.32
C LEU A 137 6.53 -2.57 -10.17
N GLU A 138 7.74 -2.60 -9.65
CA GLU A 138 8.89 -2.17 -10.41
C GLU A 138 9.05 -3.00 -11.69
N ASP A 139 8.97 -4.33 -11.56
CA ASP A 139 8.97 -5.19 -12.75
C ASP A 139 7.93 -4.78 -13.80
N ARG A 140 6.73 -4.40 -13.36
CA ARG A 140 5.67 -3.99 -14.28
C ARG A 140 5.85 -2.55 -14.73
N ARG A 141 7.02 -1.98 -14.41
CA ARG A 141 7.34 -0.60 -14.75
C ARG A 141 6.34 0.41 -14.15
N LEU A 142 5.84 0.10 -12.97
CA LEU A 142 4.89 0.97 -12.28
C LEU A 142 5.54 1.75 -11.11
N VAL A 143 5.17 3.02 -10.98
CA VAL A 143 5.61 3.86 -9.86
C VAL A 143 4.38 4.23 -9.04
N HIS A 144 4.31 3.72 -7.81
CA HIS A 144 3.15 3.87 -6.97
C HIS A 144 2.86 5.27 -6.57
N ARG A 145 3.89 5.97 -6.12
CA ARG A 145 3.84 7.40 -5.87
C ARG A 145 3.13 7.75 -4.57
N ASP A 146 2.58 6.77 -3.89
CA ASP A 146 1.93 7.03 -2.62
C ASP A 146 2.11 5.92 -1.57
N LEU A 147 3.27 5.29 -1.54
CA LEU A 147 3.50 4.23 -0.58
C LEU A 147 3.61 4.78 0.84
N ALA A 148 2.93 4.11 1.76
CA ALA A 148 2.80 4.57 3.14
C ALA A 148 2.05 3.50 3.91
N ALA A 149 2.20 3.47 5.22
CA ALA A 149 1.55 2.43 6.02
C ALA A 149 0.03 2.47 5.88
N ARG A 150 -0.51 3.66 5.59
CA ARG A 150 -1.95 3.85 5.39
C ARG A 150 -2.42 3.12 4.12
N ASN A 151 -1.51 2.88 3.16
CA ASN A 151 -1.87 2.24 1.91
C ASN A 151 -1.38 0.80 1.80
N VAL A 152 -1.23 0.16 2.94
CA VAL A 152 -0.97 -1.27 3.01
C VAL A 152 -2.08 -1.90 3.82
N LEU A 153 -2.64 -2.98 3.30
CA LEU A 153 -3.78 -3.59 3.94
C LEU A 153 -3.44 -4.97 4.48
N VAL A 154 -4.14 -5.38 5.53
CA VAL A 154 -3.89 -6.66 6.15
C VAL A 154 -4.96 -7.68 5.85
N LYS A 155 -4.63 -8.67 5.05
CA LYS A 155 -5.48 -9.83 4.86
C LYS A 155 -5.56 -10.66 6.11
N THR A 156 -4.40 -10.82 6.73
CA THR A 156 -4.23 -11.51 7.98
C THR A 156 -3.01 -10.90 8.59
N PRO A 157 -2.76 -11.16 9.86
CA PRO A 157 -1.60 -10.58 10.53
C PRO A 157 -0.35 -11.02 9.82
N GLN A 158 -0.35 -12.21 9.27
CA GLN A 158 0.80 -12.72 8.56
C GLN A 158 0.91 -12.32 7.08
N HIS A 159 -0.13 -11.73 6.50
CA HIS A 159 -0.13 -11.39 5.09
C HIS A 159 -0.59 -9.98 4.79
N VAL A 160 0.24 -9.17 4.13
CA VAL A 160 -0.11 -7.79 3.85
C VAL A 160 0.01 -7.45 2.36
N LYS A 161 -0.80 -6.50 1.89
CA LYS A 161 -0.79 -6.13 0.49
C LYS A 161 -0.80 -4.63 0.24
N ILE A 162 -0.06 -4.20 -0.77
CA ILE A 162 -0.05 -2.80 -1.20
C ILE A 162 -1.33 -2.39 -1.91
N THR A 163 -1.75 -1.15 -1.74
CA THR A 163 -3.05 -0.68 -2.18
C THR A 163 -3.02 0.81 -2.50
N ASP A 164 -4.17 1.38 -2.83
CA ASP A 164 -4.25 2.80 -3.19
C ASP A 164 -3.43 3.21 -4.40
N PHE A 165 -3.91 2.84 -5.57
CA PHE A 165 -3.19 3.08 -6.82
C PHE A 165 -3.60 4.36 -7.50
N GLY A 166 -4.25 5.25 -6.76
CA GLY A 166 -4.73 6.50 -7.27
C GLY A 166 -3.69 7.41 -7.87
N ARG A 167 -2.47 7.44 -7.31
CA ARG A 167 -1.40 8.23 -7.89
C ARG A 167 -0.44 7.46 -8.81
N ALA A 168 -0.70 6.17 -9.01
CA ALA A 168 0.22 5.31 -9.77
C ALA A 168 0.37 5.75 -11.22
N LYS A 169 1.60 5.62 -11.73
CA LYS A 169 1.92 5.99 -13.09
C LYS A 169 2.74 4.88 -13.73
N LEU A 170 2.36 4.53 -14.95
CA LEU A 170 3.14 3.64 -15.78
C LEU A 170 4.30 4.42 -16.35
N LEU A 171 5.43 3.77 -16.53
CA LEU A 171 6.59 4.43 -17.06
C LEU A 171 6.82 3.91 -18.47
N GLY A 172 7.09 4.80 -19.40
CA GLY A 172 7.38 4.38 -20.75
C GLY A 172 8.61 3.53 -20.65
N ALA A 173 8.70 2.50 -21.48
CA ALA A 173 9.76 1.51 -21.34
C ALA A 173 11.09 2.23 -21.48
N GLU A 174 11.15 3.19 -22.37
CA GLU A 174 12.29 4.07 -22.46
C GLU A 174 12.51 4.99 -21.25
N GLU A 175 11.43 5.61 -20.77
CA GLU A 175 11.54 6.66 -19.74
C GLU A 175 11.85 6.19 -18.33
N LYS A 176 12.58 7.01 -17.57
CA LYS A 176 12.96 6.61 -16.22
C LYS A 176 12.29 7.47 -15.15
N GLU A 177 11.96 8.70 -15.51
CA GLU A 177 11.31 9.62 -14.59
C GLU A 177 9.90 9.95 -15.04
N TYR A 178 9.01 10.11 -14.08
CA TYR A 178 7.69 10.62 -14.37
C TYR A 178 7.66 12.03 -13.83
N HIS A 179 7.26 12.98 -14.67
CA HIS A 179 7.20 14.34 -14.24
C HIS A 179 5.78 14.71 -13.99
N ALA A 180 5.53 15.12 -12.76
CA ALA A 180 4.20 15.42 -12.26
C ALA A 180 3.70 16.81 -12.59
N GLU A 181 2.44 17.03 -12.28
CA GLU A 181 1.81 18.32 -12.35
C GLU A 181 1.31 18.58 -10.95
N GLY A 182 1.07 19.85 -10.60
CA GLY A 182 0.74 20.18 -9.24
C GLY A 182 -0.51 19.48 -8.73
N GLY A 183 -0.46 19.04 -7.49
CA GLY A 183 -1.54 18.31 -6.85
C GLY A 183 -1.32 18.33 -5.36
N LYS A 184 -2.31 17.87 -4.60
CA LYS A 184 -2.08 17.61 -3.18
C LYS A 184 -1.21 16.36 -3.07
N VAL A 185 -0.19 16.41 -2.22
CA VAL A 185 0.82 15.35 -2.18
C VAL A 185 1.24 14.96 -0.77
N PRO A 186 1.61 13.71 -0.58
CA PRO A 186 1.96 13.25 0.77
C PRO A 186 3.41 13.65 1.09
N ILE A 187 3.60 14.93 1.38
CA ILE A 187 4.91 15.55 1.58
C ILE A 187 5.87 14.72 2.43
N LYS A 188 5.37 14.29 3.58
CA LYS A 188 6.22 13.65 4.55
C LYS A 188 6.58 12.18 4.23
N TRP A 189 6.29 11.74 3.01
CA TRP A 189 6.63 10.39 2.58
C TRP A 189 7.45 10.46 1.32
N MET A 190 7.73 11.67 0.88
CA MET A 190 8.28 11.90 -0.45
C MET A 190 9.77 12.07 -0.50
N ALA A 191 10.36 11.47 -1.53
CA ALA A 191 11.74 11.77 -1.88
C ALA A 191 11.91 13.28 -2.06
N LEU A 192 13.12 13.78 -1.85
CA LEU A 192 13.35 15.21 -2.02
C LEU A 192 13.13 15.66 -3.45
N GLU A 193 13.66 14.90 -4.41
CA GLU A 193 13.49 15.18 -5.83
C GLU A 193 12.04 15.31 -6.25
N SER A 194 11.16 14.58 -5.57
CA SER A 194 9.74 14.66 -5.85
C SER A 194 9.18 15.98 -5.35
N ILE A 195 9.58 16.35 -4.14
CA ILE A 195 9.10 17.59 -3.50
C ILE A 195 9.60 18.83 -4.24
N LEU A 196 10.90 18.86 -4.54
CA LEU A 196 11.47 19.97 -5.27
C LEU A 196 11.06 20.09 -6.73
N HIS A 197 11.05 18.96 -7.42
CA HIS A 197 10.92 18.96 -8.87
C HIS A 197 9.81 18.15 -9.44
N ARG A 198 8.99 17.53 -8.61
CA ARG A 198 7.86 16.77 -9.11
C ARG A 198 8.35 15.64 -10.00
N ILE A 199 9.56 15.20 -9.74
CA ILE A 199 10.15 14.03 -10.38
C ILE A 199 9.85 12.78 -9.55
N TYR A 200 9.40 11.72 -10.20
CA TYR A 200 9.17 10.46 -9.50
C TYR A 200 9.85 9.30 -10.24
N THR A 201 10.22 8.26 -9.49
CA THR A 201 10.98 7.13 -10.01
C THR A 201 10.72 5.92 -9.10
N HIS A 202 11.23 4.76 -9.47
CA HIS A 202 11.22 3.61 -8.57
C HIS A 202 12.04 3.90 -7.32
N GLN A 203 13.11 4.66 -7.48
CA GLN A 203 13.94 5.03 -6.34
C GLN A 203 13.22 6.00 -5.40
N SER A 204 12.32 6.81 -5.93
CA SER A 204 11.55 7.70 -5.06
C SER A 204 10.51 6.88 -4.29
N ASP A 205 10.11 5.74 -4.84
CA ASP A 205 9.28 4.78 -4.12
C ASP A 205 10.08 4.11 -2.97
N VAL A 206 11.38 3.92 -3.20
CA VAL A 206 12.27 3.39 -2.18
C VAL A 206 12.34 4.32 -0.96
N TRP A 207 12.43 5.63 -1.22
CA TRP A 207 12.38 6.61 -0.15
C TRP A 207 11.14 6.38 0.71
N SER A 208 9.96 6.28 0.08
CA SER A 208 8.69 6.15 0.79
C SER A 208 8.59 4.82 1.52
N TYR A 209 9.17 3.78 0.92
CA TYR A 209 9.31 2.50 1.60
C TYR A 209 10.01 2.73 2.95
N GLY A 210 11.15 3.44 2.91
CA GLY A 210 11.91 3.84 4.07
C GLY A 210 11.06 4.46 5.16
N VAL A 211 10.26 5.45 4.78
CA VAL A 211 9.36 6.09 5.71
C VAL A 211 8.32 5.08 6.21
N THR A 212 7.83 4.23 5.30
CA THR A 212 6.78 3.27 5.65
C THR A 212 7.29 2.28 6.71
N VAL A 213 8.55 1.86 6.59
CA VAL A 213 9.15 0.95 7.55
C VAL A 213 9.28 1.63 8.94
N TRP A 214 9.73 2.87 8.94
CA TRP A 214 9.79 3.68 10.15
C TRP A 214 8.43 3.80 10.88
N GLU A 215 7.35 4.00 10.12
CA GLU A 215 6.02 3.99 10.71
C GLU A 215 5.78 2.68 11.46
N LEU A 216 6.16 1.56 10.85
CA LEU A 216 5.96 0.24 11.45
C LEU A 216 6.83 0.07 12.69
N MET A 217 8.13 0.38 12.56
CA MET A 217 9.11 0.28 13.64
C MET A 217 8.80 1.14 14.85
N THR A 218 8.07 2.23 14.64
CA THR A 218 7.63 3.10 15.73
C THR A 218 6.17 2.86 16.09
N PHE A 219 5.66 1.68 15.71
CA PHE A 219 4.27 1.31 15.95
C PHE A 219 3.24 2.39 15.60
N GLY A 220 3.41 3.03 14.45
CA GLY A 220 2.43 3.97 13.96
C GLY A 220 2.67 5.45 14.26
N SER A 221 3.88 5.83 14.63
CA SER A 221 4.14 7.26 14.88
C SER A 221 4.00 8.07 13.60
N LYS A 222 3.85 9.39 13.75
CA LYS A 222 3.73 10.30 12.63
C LYS A 222 5.09 10.88 12.27
N PRO A 223 5.54 10.67 11.04
CA PRO A 223 6.86 11.15 10.62
C PRO A 223 6.96 12.68 10.59
N TYR A 224 8.02 13.19 11.19
CA TYR A 224 8.24 14.62 11.36
C TYR A 224 7.09 15.28 12.08
N ASP A 225 6.58 14.66 13.12
CA ASP A 225 5.42 15.19 13.80
C ASP A 225 5.68 16.55 14.41
N GLY A 226 4.71 17.44 14.29
CA GLY A 226 4.78 18.75 14.89
C GLY A 226 5.60 19.72 14.07
N ILE A 227 6.07 19.27 12.92
CA ILE A 227 6.83 20.15 12.05
C ILE A 227 6.11 20.25 10.72
N PRO A 228 5.93 21.49 10.27
CA PRO A 228 5.05 21.81 9.14
C PRO A 228 5.60 21.27 7.83
N ALA A 229 4.72 20.64 7.05
CA ALA A 229 5.13 20.07 5.77
C ALA A 229 5.89 21.06 4.87
N SER A 230 5.62 22.36 5.07
CA SER A 230 6.23 23.42 4.26
C SER A 230 7.72 23.59 4.56
N GLU A 231 8.14 23.06 5.71
CA GLU A 231 9.54 23.13 6.14
C GLU A 231 10.29 21.80 5.93
N ILE A 232 9.60 20.79 5.41
CA ILE A 232 10.23 19.48 5.23
C ILE A 232 11.39 19.51 4.25
N SER A 233 11.23 20.14 3.09
CA SER A 233 12.28 20.07 2.07
C SER A 233 13.60 20.71 2.51
N SER A 234 13.54 21.70 3.39
CA SER A 234 14.75 22.41 3.80
C SER A 234 15.53 21.54 4.80
N ILE A 235 14.78 21.03 5.77
CA ILE A 235 15.29 20.04 6.70
C ILE A 235 16.03 18.90 6.00
N LEU A 236 15.44 18.37 4.95
CA LEU A 236 16.07 17.29 4.19
C LEU A 236 17.36 17.77 3.49
N GLU A 237 17.37 19.01 3.04
CA GLU A 237 18.54 19.53 2.35
C GLU A 237 19.65 19.77 3.35
N LYS A 238 19.26 20.12 4.57
CA LYS A 238 20.20 20.30 5.68
C LYS A 238 20.82 18.97 6.10
N GLY A 239 20.17 17.85 5.76
CA GLY A 239 20.73 16.54 5.97
C GLY A 239 20.10 15.81 7.13
N GLU A 240 19.05 16.40 7.70
CA GLU A 240 18.29 15.76 8.76
C GLU A 240 17.39 14.64 8.20
N ARG A 241 17.21 13.57 8.98
CA ARG A 241 16.27 12.52 8.63
C ARG A 241 15.47 12.12 9.84
N LEU A 242 14.53 11.20 9.67
CA LEU A 242 13.77 10.66 10.79
C LEU A 242 14.71 9.93 11.75
N PRO A 243 14.39 9.94 13.06
CA PRO A 243 15.29 9.33 14.02
C PRO A 243 15.19 7.81 14.06
N GLN A 244 16.25 7.17 14.53
CA GLN A 244 16.28 5.74 14.80
C GLN A 244 15.20 5.35 15.79
N PRO A 245 14.27 4.49 15.38
CA PRO A 245 13.25 4.04 16.35
C PRO A 245 13.88 3.22 17.47
N PRO A 246 13.31 3.33 18.68
CA PRO A 246 13.79 2.68 19.91
C PRO A 246 14.07 1.19 19.76
N ILE A 247 13.23 0.45 19.04
CA ILE A 247 13.42 -0.99 18.91
C ILE A 247 14.46 -1.37 17.88
N CYS A 248 14.97 -0.39 17.13
CA CYS A 248 15.84 -0.70 15.97
C CYS A 248 17.32 -0.86 16.28
N THR A 249 17.85 -2.02 15.93
CA THR A 249 19.27 -2.14 15.82
C THR A 249 19.77 -1.24 14.67
N ILE A 250 21.03 -0.85 14.77
CA ILE A 250 21.65 -0.05 13.76
C ILE A 250 21.53 -0.70 12.38
N ASP A 251 21.55 -2.03 12.33
CA ASP A 251 21.40 -2.77 11.08
C ASP A 251 20.15 -2.37 10.31
N VAL A 252 19.02 -2.39 11.02
CA VAL A 252 17.75 -2.05 10.42
C VAL A 252 17.75 -0.57 10.06
N TYR A 253 18.06 0.28 11.04
CA TYR A 253 18.05 1.72 10.83
C TYR A 253 19.00 2.17 9.71
N MET A 254 20.17 1.58 9.64
CA MET A 254 21.10 1.83 8.53
C MET A 254 20.37 1.63 7.21
N ILE A 255 19.53 0.60 7.16
CA ILE A 255 18.79 0.31 5.94
C ILE A 255 17.77 1.40 5.61
N MET A 256 17.06 1.92 6.61
CA MET A 256 16.12 3.01 6.37
C MET A 256 16.86 4.24 5.86
N VAL A 257 17.89 4.65 6.59
CA VAL A 257 18.75 5.76 6.21
C VAL A 257 19.22 5.70 4.74
N LYS A 258 19.60 4.52 4.26
CA LYS A 258 20.05 4.38 2.89
C LYS A 258 18.95 4.75 1.89
N CYS A 259 17.71 4.48 2.28
CA CYS A 259 16.56 4.81 1.45
C CYS A 259 16.38 6.31 1.30
N TRP A 260 16.99 7.07 2.20
CA TRP A 260 16.75 8.51 2.27
C TRP A 260 17.92 9.33 1.78
N MET A 261 18.79 8.69 1.02
CA MET A 261 19.92 9.36 0.41
C MET A 261 19.46 10.32 -0.66
N ILE A 262 20.17 11.43 -0.82
CA ILE A 262 19.85 12.43 -1.85
C ILE A 262 20.04 11.92 -3.29
N ASP A 263 21.15 11.25 -3.57
CA ASP A 263 21.33 10.60 -4.86
C ASP A 263 20.43 9.35 -4.92
N ALA A 264 19.35 9.43 -5.68
CA ALA A 264 18.41 8.31 -5.81
C ALA A 264 19.08 6.98 -6.22
N ASP A 265 20.10 7.04 -7.07
CA ASP A 265 20.80 5.83 -7.50
C ASP A 265 21.62 5.17 -6.37
N SER A 266 21.86 5.92 -5.31
CA SER A 266 22.58 5.39 -4.16
C SER A 266 21.66 4.69 -3.18
N ARG A 267 20.34 4.83 -3.38
CA ARG A 267 19.35 4.13 -2.56
C ARG A 267 19.27 2.67 -2.96
N PRO A 268 18.79 1.82 -2.04
CA PRO A 268 18.76 0.40 -2.40
C PRO A 268 17.67 0.10 -3.43
N LYS A 269 17.82 -1.03 -4.11
CA LYS A 269 16.78 -1.55 -5.00
C LYS A 269 15.83 -2.40 -4.17
N PHE A 270 14.56 -2.44 -4.55
CA PHE A 270 13.57 -3.27 -3.86
C PHE A 270 14.01 -4.73 -3.74
N ARG A 271 14.64 -5.27 -4.79
CA ARG A 271 15.13 -6.66 -4.70
C ARG A 271 16.20 -6.81 -3.64
N GLU A 272 16.93 -5.74 -3.34
CA GLU A 272 17.95 -5.80 -2.31
C GLU A 272 17.29 -5.72 -0.96
N LEU A 273 16.31 -4.82 -0.83
CA LEU A 273 15.53 -4.74 0.39
C LEU A 273 14.87 -6.07 0.73
N ILE A 274 14.41 -6.81 -0.29
CA ILE A 274 13.88 -8.14 -0.07
C ILE A 274 14.94 -9.02 0.61
N ILE A 275 16.11 -9.11 -0.02
CA ILE A 275 17.24 -9.88 0.50
C ILE A 275 17.64 -9.54 1.96
N GLU A 276 17.90 -8.27 2.22
CA GLU A 276 18.33 -7.87 3.54
C GLU A 276 17.30 -8.07 4.65
N PHE A 277 16.05 -7.74 4.38
CA PHE A 277 15.04 -7.98 5.40
C PHE A 277 14.77 -9.47 5.63
N SER A 278 14.88 -10.28 4.60
CA SER A 278 14.58 -11.69 4.81
C SER A 278 15.75 -12.38 5.50
N LYS A 279 16.95 -11.82 5.35
CA LYS A 279 18.09 -12.28 6.13
C LYS A 279 17.81 -12.03 7.59
N MET A 280 17.24 -10.87 7.89
CA MET A 280 16.95 -10.49 9.26
C MET A 280 15.72 -11.22 9.80
N ALA A 281 14.82 -11.57 8.90
CA ALA A 281 13.62 -12.30 9.28
C ALA A 281 13.98 -13.66 9.85
N ARG A 282 15.11 -14.19 9.43
CA ARG A 282 15.64 -15.45 9.94
C ARG A 282 16.02 -15.45 11.42
N ASP A 283 16.56 -14.35 11.90
CA ASP A 283 16.87 -14.19 13.31
C ASP A 283 16.35 -12.87 13.83
N PRO A 284 15.05 -12.77 14.00
CA PRO A 284 14.39 -11.49 14.27
C PRO A 284 14.83 -10.80 15.54
N GLN A 285 15.04 -11.57 16.60
CA GLN A 285 15.41 -11.00 17.88
C GLN A 285 16.78 -10.32 17.82
N ARG A 286 17.59 -10.75 16.87
CA ARG A 286 18.87 -10.12 16.60
C ARG A 286 18.77 -8.70 16.06
N TYR A 287 17.66 -8.37 15.44
CA TYR A 287 17.56 -7.12 14.67
C TYR A 287 16.53 -6.11 15.17
N LEU A 288 15.53 -6.60 15.89
CA LEU A 288 14.58 -5.72 16.55
C LEU A 288 14.49 -6.10 18.03
N VAL A 289 14.63 -5.12 18.91
CA VAL A 289 14.66 -5.40 20.34
C VAL A 289 13.36 -4.94 20.94
N ILE A 290 12.48 -5.89 21.21
CA ILE A 290 11.16 -5.60 21.74
C ILE A 290 10.92 -6.36 23.06
N GLN A 291 10.42 -5.63 24.07
CA GLN A 291 10.15 -6.21 25.39
C GLN A 291 9.09 -7.32 25.37
N GLY A 292 9.45 -8.50 25.86
CA GLY A 292 8.52 -9.62 25.91
C GLY A 292 8.16 -10.18 24.55
N ASP A 293 9.12 -10.08 23.63
CA ASP A 293 8.93 -10.49 22.25
C ASP A 293 8.57 -11.96 22.11
N GLU A 294 9.36 -12.82 22.75
CA GLU A 294 9.20 -14.26 22.58
C GLU A 294 7.85 -14.80 23.12
N ARG A 295 7.03 -13.90 23.66
CA ARG A 295 5.81 -14.26 24.37
C ARG A 295 4.53 -13.88 23.59
N MET A 296 4.69 -13.06 22.55
CA MET A 296 3.56 -12.41 21.87
C MET A 296 2.87 -13.26 20.78
N HIS A 297 1.55 -13.21 20.74
CA HIS A 297 0.80 -13.93 19.72
C HIS A 297 -0.21 -13.09 19.00
N LEU A 298 -0.24 -13.21 17.68
CA LEU A 298 -1.19 -12.52 16.83
C LEU A 298 -2.03 -13.54 16.07
N PRO A 299 -3.34 -13.33 16.04
CA PRO A 299 -4.23 -14.20 15.28
C PRO A 299 -3.63 -14.67 13.96
N ASP A 312 -17.45 -13.11 13.38
CA ASP A 312 -17.58 -12.05 12.38
C ASP A 312 -18.78 -12.26 11.48
N GLU A 313 -18.96 -13.49 11.00
CA GLU A 313 -20.08 -13.81 10.13
C GLU A 313 -20.81 -15.06 10.57
N ASP A 315 -22.71 -18.89 7.33
CA ASP A 315 -22.73 -19.60 6.06
C ASP A 315 -21.36 -19.55 5.38
N MET A 316 -20.39 -20.19 5.99
CA MET A 316 -19.01 -20.12 5.54
C MET A 316 -18.60 -21.37 4.75
N ASP A 317 -19.56 -22.24 4.46
CA ASP A 317 -19.27 -23.52 3.81
C ASP A 317 -18.61 -23.37 2.45
N ASP A 318 -19.15 -22.47 1.63
CA ASP A 318 -18.74 -22.35 0.24
C ASP A 318 -17.80 -21.17 0.06
N VAL A 319 -17.41 -20.55 1.17
CA VAL A 319 -16.57 -19.37 1.15
C VAL A 319 -15.13 -19.67 0.71
N VAL A 320 -14.65 -18.87 -0.23
CA VAL A 320 -13.28 -18.97 -0.74
C VAL A 320 -12.64 -17.59 -0.75
N ASP A 321 -11.37 -17.51 -0.37
CA ASP A 321 -10.65 -16.25 -0.54
C ASP A 321 -10.40 -15.98 -2.04
N ALA A 322 -10.44 -14.72 -2.42
CA ALA A 322 -10.15 -14.34 -3.81
C ALA A 322 -8.79 -14.85 -4.31
N ASP A 323 -7.85 -15.05 -3.39
CA ASP A 323 -6.53 -15.53 -3.73
C ASP A 323 -6.58 -16.96 -4.25
N GLU A 324 -7.62 -17.69 -3.89
CA GLU A 324 -7.83 -19.02 -4.42
C GLU A 324 -8.88 -19.05 -5.55
N TYR A 325 -9.49 -17.91 -5.84
CA TYR A 325 -10.40 -17.85 -6.98
C TYR A 325 -9.65 -17.32 -8.20
N LEU A 326 -9.28 -18.23 -9.09
CA LEU A 326 -8.55 -17.88 -10.32
C LEU A 326 -9.46 -18.17 -11.53
N ILE A 327 -9.28 -17.41 -12.60
CA ILE A 327 -10.17 -17.50 -13.77
C ILE A 327 -9.42 -17.79 -15.08
N ASP B 2 -3.51 17.82 10.50
CA ASP B 2 -3.67 16.37 10.48
C ASP B 2 -4.00 15.86 9.10
N HIS B 3 -3.43 16.48 8.08
CA HIS B 3 -3.62 16.04 6.72
C HIS B 3 -2.32 15.55 6.17
N GLN B 4 -2.32 14.33 5.67
CA GLN B 4 -1.16 13.76 5.03
C GLN B 4 -0.78 14.49 3.75
N TYR B 5 -1.79 14.92 3.01
CA TYR B 5 -1.55 15.51 1.70
C TYR B 5 -1.74 17.02 1.71
N PTR B 6 -0.75 17.72 1.18
CA PTR B 6 -0.73 19.17 1.19
C PTR B 6 -0.43 19.64 -0.20
O PTR B 6 0.26 18.94 -0.94
CB PTR B 6 0.41 19.65 2.08
CG PTR B 6 0.18 19.30 3.53
CD1 PTR B 6 -0.62 20.12 4.30
CD2 PTR B 6 0.77 18.19 4.08
CE1 PTR B 6 -0.84 19.80 5.64
CE2 PTR B 6 0.56 17.87 5.41
CZ PTR B 6 -0.25 18.68 6.19
OH PTR B 6 -0.47 18.37 7.49
P PTR B 6 0.75 18.26 8.50
O1P PTR B 6 1.57 19.47 8.21
O2P PTR B 6 1.38 16.96 8.11
O3P PTR B 6 0.09 18.23 9.84
N ASN B 7 -0.96 20.80 -0.56
CA ASN B 7 -0.66 21.38 -1.86
C ASN B 7 0.76 21.86 -1.96
N ASP B 8 1.35 21.77 -3.14
CA ASP B 8 2.70 22.25 -3.38
C ASP B 8 3.18 21.74 -4.73
#